data_9GU8
#
_entry.id   9GU8
#
_cell.length_a   44.608
_cell.length_b   102.912
_cell.length_c   76.718
_cell.angle_alpha   90.000
_cell.angle_beta   90.000
_cell.angle_gamma   90.000
#
_symmetry.space_group_name_H-M   'C 2 2 21'
#
loop_
_entity.id
_entity.type
_entity.pdbx_description
1 polymer 'Neuronal calcium sensor 1'
2 non-polymer 'CALCIUM ION'
3 non-polymer 5-{4-[4-(5-cyano-1H-indol-3-yl)butyl]piperazin-1-yl}-1-benzofuran-2-carboxamide
4 non-polymer 'PENTAETHYLENE GLYCOL'
5 non-polymer GLYCEROL
6 non-polymer 'SODIUM ION'
7 water water
#
_entity_poly.entity_id   1
_entity_poly.type   'polypeptide(L)'
_entity_poly.pdbx_seq_one_letter_code
;MGKSNSKLKPEVVEELTRKTYFTEKEVQQWYKGFIKDCPSGQLDAAGFQKIYKQFFPFGDPTKFATFVFNVFDENKDGRI
EFSEFIQALSVTSRGTLDEKLRWAFKLYDLDNDGYITRNEMLDIVDAIYQMVGNTVELPEEENTPEKRVDRIFAMMDKNA
DGKLTLQEFQEGSKADP
;
_entity_poly.pdbx_strand_id   B
#
loop_
_chem_comp.id
_chem_comp.type
_chem_comp.name
_chem_comp.formula
1PE non-polymer 'PENTAETHYLENE GLYCOL' 'C10 H22 O6'
CA non-polymer 'CALCIUM ION' 'Ca 2'
GOL non-polymer GLYCEROL 'C3 H8 O3'
NA non-polymer 'SODIUM ION' 'Na 1'
YG7 non-polymer 5-{4-[4-(5-cyano-1H-indol-3-yl)butyl]piperazin-1-yl}-1-benzofuran-2-carboxamide 'C26 H27 N5 O2'
#
# COMPACT_ATOMS: atom_id res chain seq x y z
N ASN A 5 -9.35 -23.28 -1.56
CA ASN A 5 -10.56 -22.68 -2.09
C ASN A 5 -10.39 -22.34 -3.58
N SER A 6 -11.05 -23.14 -4.42
CA SER A 6 -10.90 -22.97 -5.87
C SER A 6 -11.68 -21.76 -6.37
N LYS A 7 -12.92 -21.58 -5.91
CA LYS A 7 -13.77 -20.52 -6.43
C LYS A 7 -14.61 -19.91 -5.31
N LEU A 8 -14.94 -18.63 -5.48
CA LEU A 8 -15.68 -17.88 -4.48
C LEU A 8 -17.19 -18.06 -4.65
N LYS A 9 -17.90 -18.02 -3.52
CA LYS A 9 -19.35 -18.13 -3.54
C LYS A 9 -19.96 -16.86 -4.12
N PRO A 10 -21.14 -16.97 -4.76
CA PRO A 10 -21.71 -15.79 -5.42
C PRO A 10 -22.08 -14.68 -4.44
N GLU A 11 -22.40 -15.03 -3.20
CA GLU A 11 -22.64 -14.02 -2.18
C GLU A 11 -21.37 -13.22 -1.89
N VAL A 12 -20.22 -13.89 -1.87
CA VAL A 12 -18.96 -13.20 -1.61
C VAL A 12 -18.55 -12.37 -2.82
N VAL A 13 -18.68 -12.92 -4.02
CA VAL A 13 -18.33 -12.18 -5.23
C VAL A 13 -19.17 -10.90 -5.32
N GLU A 14 -20.49 -11.03 -5.11
CA GLU A 14 -21.35 -9.86 -5.11
C GLU A 14 -20.87 -8.83 -4.10
N GLU A 15 -20.63 -9.26 -2.85
CA GLU A 15 -20.16 -8.34 -1.82
C GLU A 15 -18.92 -7.59 -2.29
N LEU A 16 -17.93 -8.31 -2.82
CA LEU A 16 -16.69 -7.66 -3.23
C LEU A 16 -16.92 -6.75 -4.43
N THR A 17 -17.84 -7.11 -5.31
CA THR A 17 -18.14 -6.28 -6.47
C THR A 17 -18.74 -4.95 -6.05
N ARG A 18 -19.69 -4.97 -5.12
CA ARG A 18 -20.27 -3.73 -4.63
C ARG A 18 -19.26 -2.90 -3.85
N LYS A 19 -18.26 -3.56 -3.25
CA LYS A 19 -17.31 -2.89 -2.39
C LYS A 19 -16.07 -2.39 -3.14
N THR A 20 -15.86 -2.84 -4.37
CA THR A 20 -14.70 -2.44 -5.15
C THR A 20 -15.15 -1.80 -6.46
N TYR A 21 -14.17 -1.34 -7.22
CA TYR A 21 -14.41 -0.82 -8.56
C TYR A 21 -14.35 -1.91 -9.62
N PHE A 22 -14.28 -3.18 -9.22
CA PHE A 22 -14.18 -4.28 -10.16
C PHE A 22 -15.56 -4.86 -10.46
N THR A 23 -15.65 -5.50 -11.64
CA THR A 23 -16.85 -6.23 -12.00
C THR A 23 -16.87 -7.60 -11.33
N GLU A 24 -18.04 -8.22 -11.33
CA GLU A 24 -18.16 -9.60 -10.88
C GLU A 24 -17.10 -10.48 -11.55
N LYS A 25 -16.96 -10.33 -12.87
CA LYS A 25 -16.01 -11.15 -13.63
C LYS A 25 -14.58 -10.83 -13.24
N GLU A 26 -14.26 -9.55 -13.03
CA GLU A 26 -12.90 -9.20 -12.65
C GLU A 26 -12.56 -9.71 -11.25
N VAL A 27 -13.54 -9.68 -10.34
CA VAL A 27 -13.29 -10.19 -8.99
C VAL A 27 -12.88 -11.66 -9.05
N GLN A 28 -13.61 -12.47 -9.83
CA GLN A 28 -13.31 -13.88 -9.93
C GLN A 28 -11.97 -14.13 -10.65
N GLN A 29 -11.65 -13.31 -11.64
CA GLN A 29 -10.34 -13.44 -12.29
C GLN A 29 -9.21 -13.10 -11.34
N TRP A 30 -9.37 -12.02 -10.57
CA TRP A 30 -8.35 -11.66 -9.58
C TRP A 30 -8.19 -12.75 -8.54
N TYR A 31 -9.28 -13.43 -8.17
CA TYR A 31 -9.19 -14.50 -7.19
C TYR A 31 -8.44 -15.69 -7.75
N LYS A 32 -8.65 -16.02 -9.03
CA LYS A 32 -7.91 -17.12 -9.63
C LYS A 32 -6.42 -16.87 -9.55
N GLY A 33 -5.99 -15.66 -9.89
CA GLY A 33 -4.57 -15.34 -9.79
C GLY A 33 -4.07 -15.37 -8.35
N PHE A 34 -4.83 -14.77 -7.43
CA PHE A 34 -4.41 -14.74 -6.03
C PHE A 34 -4.15 -16.15 -5.51
N ILE A 35 -5.09 -17.07 -5.73
CA ILE A 35 -4.94 -18.41 -5.18
C ILE A 35 -3.80 -19.15 -5.86
N LYS A 36 -3.64 -18.97 -7.18
CA LYS A 36 -2.51 -19.59 -7.87
C LYS A 36 -1.19 -19.08 -7.29
N ASP A 37 -1.10 -17.78 -7.00
CA ASP A 37 0.09 -17.23 -6.37
C ASP A 37 0.14 -17.48 -4.87
N CYS A 38 -1.01 -17.72 -4.24
CA CYS A 38 -1.07 -17.98 -2.80
CA CYS A 38 -1.07 -17.98 -2.80
C CYS A 38 -2.03 -19.15 -2.56
N PRO A 39 -1.53 -20.38 -2.68
CA PRO A 39 -2.45 -21.54 -2.60
C PRO A 39 -3.28 -21.58 -1.32
N SER A 40 -2.75 -21.07 -0.20
CA SER A 40 -3.47 -21.14 1.07
C SER A 40 -4.57 -20.09 1.20
N GLY A 41 -4.70 -19.19 0.24
CA GLY A 41 -5.69 -18.13 0.34
C GLY A 41 -5.27 -16.95 1.20
N GLN A 42 -4.05 -16.95 1.73
CA GLN A 42 -3.59 -15.88 2.59
C GLN A 42 -2.08 -15.75 2.42
N LEU A 43 -1.60 -14.52 2.42
CA LEU A 43 -0.18 -14.22 2.25
C LEU A 43 0.33 -13.61 3.55
N ASP A 44 1.35 -14.22 4.14
CA ASP A 44 1.96 -13.65 5.33
C ASP A 44 3.10 -12.72 4.90
N ALA A 45 3.74 -12.08 5.88
CA ALA A 45 4.77 -11.10 5.55
C ALA A 45 5.98 -11.77 4.89
N ALA A 46 6.31 -13.00 5.32
CA ALA A 46 7.40 -13.73 4.67
C ALA A 46 7.13 -13.92 3.19
N GLY A 47 5.90 -14.27 2.82
CA GLY A 47 5.60 -14.55 1.41
C GLY A 47 5.56 -13.28 0.58
N PHE A 48 4.94 -12.22 1.09
CA PHE A 48 5.02 -10.91 0.45
C PHE A 48 6.48 -10.50 0.26
N GLN A 49 7.31 -10.70 1.29
CA GLN A 49 8.73 -10.40 1.18
C GLN A 49 9.39 -11.20 0.06
N LYS A 50 9.14 -12.51 0.01
CA LYS A 50 9.71 -13.32 -1.05
C LYS A 50 9.33 -12.78 -2.42
N ILE A 51 8.05 -12.43 -2.60
CA ILE A 51 7.59 -11.90 -3.88
C ILE A 51 8.44 -10.71 -4.30
N TYR A 52 8.53 -9.70 -3.43
CA TYR A 52 9.29 -8.50 -3.75
C TYR A 52 10.77 -8.82 -3.98
N LYS A 53 11.33 -9.72 -3.17
CA LYS A 53 12.75 -10.05 -3.32
C LYS A 53 13.03 -10.65 -4.69
N GLN A 54 12.06 -11.35 -5.27
CA GLN A 54 12.25 -11.96 -6.59
C GLN A 54 12.10 -10.95 -7.72
N PHE A 55 11.28 -9.91 -7.52
CA PHE A 55 11.04 -8.92 -8.56
C PHE A 55 12.14 -7.85 -8.62
N PHE A 56 12.86 -7.63 -7.52
CA PHE A 56 13.87 -6.59 -7.42
C PHE A 56 15.22 -7.20 -7.06
N PRO A 57 15.86 -7.91 -8.00
CA PRO A 57 17.12 -8.60 -7.69
C PRO A 57 18.30 -7.67 -7.47
N PHE A 58 18.25 -6.43 -7.97
CA PHE A 58 19.41 -5.56 -7.88
C PHE A 58 19.53 -4.88 -6.52
N GLY A 59 18.47 -4.87 -5.73
CA GLY A 59 18.52 -4.19 -4.46
C GLY A 59 18.05 -5.02 -3.29
N ASP A 60 17.69 -4.35 -2.20
CA ASP A 60 17.14 -4.99 -1.00
C ASP A 60 15.75 -4.40 -0.78
N PRO A 61 14.69 -5.07 -1.24
CA PRO A 61 13.33 -4.53 -1.09
C PRO A 61 12.66 -4.83 0.25
N THR A 62 13.39 -5.39 1.21
CA THR A 62 12.79 -5.85 2.46
C THR A 62 12.03 -4.72 3.15
N LYS A 63 12.66 -3.56 3.29
CA LYS A 63 12.06 -2.48 4.05
C LYS A 63 10.82 -1.95 3.35
N PHE A 64 10.91 -1.65 2.06
CA PHE A 64 9.74 -1.11 1.37
C PHE A 64 8.62 -2.12 1.30
N ALA A 65 8.95 -3.40 1.08
CA ALA A 65 7.91 -4.43 1.03
C ALA A 65 7.13 -4.49 2.34
N THR A 66 7.82 -4.32 3.46
CA THR A 66 7.14 -4.32 4.75
C THR A 66 6.17 -3.17 4.85
N PHE A 67 6.58 -1.99 4.38
CA PHE A 67 5.69 -0.84 4.40
C PHE A 67 4.45 -1.09 3.57
N VAL A 68 4.63 -1.66 2.38
CA VAL A 68 3.48 -1.95 1.52
C VAL A 68 2.61 -3.02 2.14
N PHE A 69 3.22 -4.07 2.69
CA PHE A 69 2.46 -5.12 3.35
C PHE A 69 1.55 -4.54 4.42
N ASN A 70 2.04 -3.57 5.19
CA ASN A 70 1.24 -3.04 6.28
C ASN A 70 0.03 -2.27 5.76
N VAL A 71 0.10 -1.71 4.55
CA VAL A 71 -1.07 -1.02 4.01
C VAL A 71 -2.10 -2.03 3.53
N PHE A 72 -1.64 -3.08 2.83
CA PHE A 72 -2.53 -4.15 2.41
C PHE A 72 -3.22 -4.79 3.61
N ASP A 73 -2.48 -5.01 4.68
CA ASP A 73 -2.98 -5.68 5.88
C ASP A 73 -3.75 -4.67 6.75
N GLU A 74 -4.97 -4.37 6.29
CA GLU A 74 -5.77 -3.32 6.92
C GLU A 74 -6.01 -3.62 8.40
N ASN A 75 -6.47 -4.83 8.71
CA ASN A 75 -6.78 -5.19 10.09
C ASN A 75 -5.55 -5.56 10.90
N LYS A 76 -4.37 -5.50 10.29
CA LYS A 76 -3.09 -5.62 10.99
C LYS A 76 -2.95 -6.94 11.73
N ASP A 77 -3.50 -8.02 11.17
CA ASP A 77 -3.40 -9.33 11.79
C ASP A 77 -2.25 -10.16 11.25
N GLY A 78 -1.37 -9.58 10.45
CA GLY A 78 -0.20 -10.27 9.97
C GLY A 78 -0.39 -11.08 8.71
N ARG A 79 -1.57 -11.04 8.10
CA ARG A 79 -1.77 -11.75 6.83
C ARG A 79 -2.66 -10.90 5.93
N ILE A 80 -2.44 -11.06 4.63
CA ILE A 80 -3.27 -10.44 3.60
C ILE A 80 -4.23 -11.50 3.09
N GLU A 81 -5.52 -11.29 3.34
CA GLU A 81 -6.58 -12.13 2.80
CA GLU A 81 -6.59 -12.12 2.80
C GLU A 81 -7.06 -11.54 1.48
N PHE A 82 -7.84 -12.33 0.74
CA PHE A 82 -8.21 -11.86 -0.59
C PHE A 82 -8.98 -10.55 -0.52
N SER A 83 -9.86 -10.41 0.47
CA SER A 83 -10.64 -9.19 0.58
C SER A 83 -9.75 -7.96 0.70
N GLU A 84 -8.66 -8.08 1.46
CA GLU A 84 -7.73 -6.96 1.61
C GLU A 84 -6.94 -6.74 0.32
N PHE A 85 -6.49 -7.82 -0.32
CA PHE A 85 -5.76 -7.73 -1.57
C PHE A 85 -6.58 -7.00 -2.64
N ILE A 86 -7.81 -7.43 -2.85
CA ILE A 86 -8.61 -6.86 -3.93
CA ILE A 86 -8.61 -6.86 -3.93
C ILE A 86 -9.04 -5.43 -3.62
N GLN A 87 -9.23 -5.10 -2.34
CA GLN A 87 -9.57 -3.72 -2.00
C GLN A 87 -8.40 -2.79 -2.31
N ALA A 88 -7.18 -3.21 -1.98
CA ALA A 88 -6.00 -2.41 -2.27
C ALA A 88 -5.84 -2.18 -3.76
N LEU A 89 -5.99 -3.25 -4.56
CA LEU A 89 -5.86 -3.09 -5.99
C LEU A 89 -6.98 -2.24 -6.56
N SER A 90 -8.19 -2.33 -6.00
CA SER A 90 -9.31 -1.50 -6.45
C SER A 90 -9.00 -0.03 -6.25
N VAL A 91 -8.56 0.36 -5.05
CA VAL A 91 -8.29 1.76 -4.75
CA VAL A 91 -8.30 1.77 -4.77
C VAL A 91 -7.09 2.25 -5.54
N THR A 92 -6.01 1.48 -5.55
CA THR A 92 -4.79 1.97 -6.20
C THR A 92 -4.97 2.07 -7.71
N SER A 93 -5.82 1.24 -8.31
CA SER A 93 -5.92 1.20 -9.75
C SER A 93 -7.11 1.99 -10.31
N ARG A 94 -8.21 2.11 -9.56
CA ARG A 94 -9.42 2.72 -10.11
C ARG A 94 -10.05 3.77 -9.20
N GLY A 95 -9.39 4.15 -8.11
CA GLY A 95 -9.97 5.11 -7.21
C GLY A 95 -9.83 6.54 -7.68
N THR A 96 -10.60 7.43 -7.05
CA THR A 96 -10.42 8.85 -7.25
C THR A 96 -9.00 9.23 -6.90
N LEU A 97 -8.57 10.41 -7.38
CA LEU A 97 -7.29 10.92 -6.93
C LEU A 97 -7.27 11.08 -5.42
N ASP A 98 -8.42 11.47 -4.83
CA ASP A 98 -8.52 11.59 -3.38
C ASP A 98 -8.30 10.23 -2.71
N GLU A 99 -8.94 9.18 -3.24
CA GLU A 99 -8.78 7.85 -2.64
C GLU A 99 -7.36 7.35 -2.80
N LYS A 100 -6.74 7.63 -3.94
CA LYS A 100 -5.38 7.15 -4.19
C LYS A 100 -4.37 7.84 -3.30
N LEU A 101 -4.54 9.14 -3.09
CA LEU A 101 -3.65 9.87 -2.18
C LEU A 101 -3.84 9.40 -0.75
N ARG A 102 -5.09 9.11 -0.36
CA ARG A 102 -5.36 8.55 0.97
C ARG A 102 -4.62 7.24 1.16
N TRP A 103 -4.55 6.41 0.12
CA TRP A 103 -3.83 5.15 0.20
C TRP A 103 -2.33 5.38 0.33
N ALA A 104 -1.78 6.31 -0.46
CA ALA A 104 -0.37 6.66 -0.33
C ALA A 104 -0.06 7.21 1.05
N PHE A 105 -0.94 8.05 1.60
CA PHE A 105 -0.75 8.53 2.95
C PHE A 105 -0.62 7.37 3.94
N LYS A 106 -1.50 6.38 3.84
CA LYS A 106 -1.40 5.21 4.72
C LYS A 106 -0.06 4.51 4.58
N LEU A 107 0.43 4.38 3.36
CA LEU A 107 1.75 3.80 3.16
C LEU A 107 2.80 4.58 3.93
N TYR A 108 2.76 5.92 3.81
CA TYR A 108 3.78 6.76 4.40
C TYR A 108 3.63 6.88 5.91
N ASP A 109 2.40 6.81 6.42
CA ASP A 109 2.15 6.87 7.86
C ASP A 109 2.49 5.52 8.47
N LEU A 110 3.75 5.32 8.82
CA LEU A 110 4.25 3.99 9.14
C LEU A 110 3.65 3.45 10.44
N ASP A 111 3.41 4.30 11.43
CA ASP A 111 2.85 3.87 12.70
C ASP A 111 1.34 4.14 12.81
N ASN A 112 0.73 4.66 11.74
CA ASN A 112 -0.73 4.69 11.61
C ASN A 112 -1.40 5.65 12.59
N ASP A 113 -0.73 6.75 12.94
CA ASP A 113 -1.29 7.69 13.89
C ASP A 113 -1.99 8.87 13.22
N GLY A 114 -2.12 8.86 11.89
CA GLY A 114 -2.75 9.96 11.19
C GLY A 114 -1.83 11.09 10.86
N TYR A 115 -0.54 10.96 11.13
CA TYR A 115 0.47 11.96 10.80
C TYR A 115 1.66 11.31 10.14
N ILE A 116 2.21 11.98 9.13
CA ILE A 116 3.50 11.62 8.57
C ILE A 116 4.56 12.53 9.17
N THR A 117 5.56 11.95 9.83
CA THR A 117 6.67 12.70 10.39
C THR A 117 7.85 12.70 9.44
N ARG A 118 8.80 13.62 9.70
CA ARG A 118 10.01 13.66 8.91
C ARG A 118 10.73 12.31 8.92
N ASN A 119 10.83 11.68 10.10
CA ASN A 119 11.48 10.38 10.17
C ASN A 119 10.75 9.34 9.33
N GLU A 120 9.42 9.32 9.43
CA GLU A 120 8.65 8.36 8.64
C GLU A 120 8.91 8.55 7.15
N MET A 121 8.96 9.80 6.69
CA MET A 121 9.18 10.06 5.28
CA MET A 121 9.17 10.05 5.28
C MET A 121 10.58 9.66 4.85
N LEU A 122 11.57 9.91 5.70
CA LEU A 122 12.94 9.53 5.38
C LEU A 122 13.10 8.02 5.32
N ASP A 123 12.32 7.29 6.13
CA ASP A 123 12.36 5.84 6.07
C ASP A 123 11.78 5.34 4.75
N ILE A 124 10.73 5.98 4.26
CA ILE A 124 10.17 5.62 2.97
C ILE A 124 11.20 5.83 1.87
N VAL A 125 11.77 7.03 1.80
CA VAL A 125 12.74 7.33 0.75
C VAL A 125 13.95 6.40 0.85
N ASP A 126 14.46 6.20 2.07
CA ASP A 126 15.58 5.27 2.26
C ASP A 126 15.22 3.88 1.76
N ALA A 127 14.00 3.42 2.08
CA ALA A 127 13.58 2.08 1.66
C ALA A 127 13.52 1.98 0.14
N ILE A 128 12.98 2.99 -0.53
CA ILE A 128 12.89 2.96 -1.99
C ILE A 128 14.28 2.93 -2.60
N TYR A 129 15.21 3.72 -2.05
CA TYR A 129 16.57 3.72 -2.57
C TYR A 129 17.23 2.36 -2.40
N GLN A 130 17.03 1.72 -1.25
CA GLN A 130 17.57 0.38 -1.04
C GLN A 130 16.97 -0.62 -2.03
N MET A 131 15.67 -0.51 -2.27
CA MET A 131 15.01 -1.42 -3.20
C MET A 131 15.54 -1.23 -4.62
N VAL A 132 15.69 0.02 -5.05
CA VAL A 132 16.27 0.31 -6.35
C VAL A 132 17.65 -0.32 -6.45
N GLY A 133 18.53 -0.01 -5.49
CA GLY A 133 19.83 -0.63 -5.43
C GLY A 133 20.89 0.09 -6.23
N ASN A 143 21.00 15.77 -4.80
CA ASN A 143 19.78 15.34 -4.15
C ASN A 143 19.99 14.01 -3.43
N THR A 144 19.68 13.99 -2.13
CA THR A 144 19.80 12.79 -1.31
C THR A 144 18.46 12.52 -0.64
N PRO A 145 18.35 11.47 0.18
CA PRO A 145 17.08 11.27 0.92
C PRO A 145 16.76 12.42 1.85
N GLU A 146 17.72 12.84 2.68
CA GLU A 146 17.44 13.83 3.70
C GLU A 146 17.02 15.16 3.09
N LYS A 147 17.78 15.63 2.10
CA LYS A 147 17.42 16.89 1.43
C LYS A 147 16.05 16.78 0.78
N ARG A 148 15.75 15.63 0.18
CA ARG A 148 14.41 15.40 -0.35
C ARG A 148 13.34 15.60 0.71
N VAL A 149 13.44 14.86 1.82
CA VAL A 149 12.46 15.00 2.89
C VAL A 149 12.37 16.45 3.34
N ASP A 150 13.53 17.10 3.54
CA ASP A 150 13.54 18.47 4.04
C ASP A 150 12.75 19.40 3.12
N ARG A 151 12.94 19.26 1.81
CA ARG A 151 12.20 20.10 0.86
C ARG A 151 10.71 19.79 0.89
N ILE A 152 10.37 18.50 0.84
CA ILE A 152 8.96 18.10 0.88
C ILE A 152 8.26 18.70 2.09
N PHE A 153 8.90 18.61 3.27
CA PHE A 153 8.25 19.11 4.47
C PHE A 153 8.20 20.63 4.51
N ALA A 154 9.16 21.31 3.88
CA ALA A 154 9.09 22.76 3.78
C ALA A 154 7.92 23.18 2.89
N MET A 155 7.55 22.34 1.93
CA MET A 155 6.52 22.70 0.97
C MET A 155 5.13 22.19 1.36
N MET A 156 5.04 21.27 2.32
CA MET A 156 3.76 20.72 2.72
C MET A 156 3.39 20.96 4.17
N ASP A 157 4.36 21.18 5.07
CA ASP A 157 4.05 21.36 6.48
C ASP A 157 3.72 22.83 6.74
N LYS A 158 2.52 23.21 6.32
CA LYS A 158 2.16 24.62 6.32
C LYS A 158 1.98 25.18 7.73
N ASN A 159 1.78 24.33 8.74
CA ASN A 159 1.75 24.78 10.13
C ASN A 159 3.07 24.52 10.86
N ALA A 160 4.07 24.00 10.15
CA ALA A 160 5.42 23.84 10.67
C ALA A 160 5.44 23.15 12.04
N ASP A 161 4.61 22.13 12.20
CA ASP A 161 4.59 21.34 13.43
C ASP A 161 5.36 20.03 13.29
N GLY A 162 6.11 19.85 12.20
CA GLY A 162 6.89 18.65 12.00
C GLY A 162 6.10 17.43 11.59
N LYS A 163 4.79 17.56 11.39
CA LYS A 163 3.93 16.46 11.02
C LYS A 163 3.11 16.88 9.81
N LEU A 164 2.82 15.92 8.95
CA LEU A 164 1.94 16.14 7.82
C LEU A 164 0.61 15.44 8.11
N THR A 165 -0.46 16.21 8.13
CA THR A 165 -1.79 15.62 8.11
C THR A 165 -2.13 15.20 6.68
N LEU A 166 -3.26 14.49 6.54
CA LEU A 166 -3.67 14.08 5.21
C LEU A 166 -3.98 15.29 4.33
N GLN A 167 -4.59 16.33 4.90
CA GLN A 167 -4.89 17.51 4.10
C GLN A 167 -3.62 18.17 3.60
N GLU A 168 -2.61 18.27 4.47
CA GLU A 168 -1.33 18.84 4.05
C GLU A 168 -0.72 18.00 2.92
N PHE A 169 -0.70 16.67 3.10
CA PHE A 169 -0.15 15.77 2.07
C PHE A 169 -0.91 15.90 0.76
N GLN A 170 -2.23 16.02 0.83
CA GLN A 170 -3.03 16.09 -0.39
C GLN A 170 -2.88 17.46 -1.06
N GLU A 171 -3.03 18.53 -0.28
CA GLU A 171 -2.90 19.87 -0.83
C GLU A 171 -1.57 20.03 -1.55
N GLY A 172 -0.47 19.65 -0.91
CA GLY A 172 0.84 19.76 -1.53
C GLY A 172 0.98 18.85 -2.74
N SER A 173 0.58 17.58 -2.59
CA SER A 173 0.68 16.65 -3.69
C SER A 173 -0.03 17.14 -4.94
N LYS A 174 -1.10 17.92 -4.76
CA LYS A 174 -1.79 18.52 -5.90
C LYS A 174 -1.00 19.70 -6.44
N ALA A 175 -0.82 20.74 -5.63
CA ALA A 175 -0.03 21.92 -5.96
C ALA A 175 0.57 21.94 -7.37
CA CA B . -5.16 -8.88 7.41
CA CA C . 2.83 8.49 11.77
CA CA D . 1.60 19.90 9.80
C10 YG7 E . 0.09 -1.86 -4.83
C13 YG7 E . 3.48 1.61 -4.25
C15 YG7 E . 0.73 -4.25 -5.52
C17 YG7 E . 3.46 5.53 -4.08
C20 YG7 E . 2.58 6.67 -4.17
C21 YG7 E . -0.08 -5.85 -7.13
C22 YG7 E . 4.56 5.95 -3.40
C24 YG7 E . 0.90 -6.63 -5.03
C26 YG7 E . -0.65 -6.52 -8.26
C28 YG7 E . 2.68 9.01 -3.40
C08 YG7 E . 0.60 -0.56 -5.42
C09 YG7 E . 2.45 -1.24 -4.08
C11 YG7 E . 2.40 -2.61 -4.70
C12 YG7 E . 2.05 1.12 -4.44
C14 YG7 E . 3.62 3.03 -3.72
C16 YG7 E . 3.18 4.16 -4.64
C18 YG7 E . 0.12 -4.51 -6.75
C19 YG7 E . 1.11 -5.32 -4.68
C23 YG7 E . 0.31 -6.86 -6.26
C25 YG7 E . 3.23 7.74 -3.51
C27 YG7 E . 1.33 6.91 -4.74
C29 YG7 E . -0.55 -7.85 -8.03
C30 YG7 E . 0.78 8.17 -4.62
C31 YG7 E . 1.44 9.21 -3.97
C32 YG7 E . -0.94 -9.02 -8.82
C33 YG7 E . -0.53 8.42 -5.19
N03 YG7 E . 1.97 -0.24 -5.01
N04 YG7 E . 1.03 -2.95 -5.05
N05 YG7 E . 4.43 7.26 -3.05
N06 YG7 E . -1.15 -8.79 -10.12
N07 YG7 E . -1.56 8.62 -5.64
O01 YG7 E . 0.03 -8.09 -6.80
O02 YG7 E . -0.98 -10.14 -8.31
H1 YG7 E . -0.05 -1.74 -3.86
H2 YG7 E . -0.77 -2.09 -5.23
H3 YG7 E . 3.94 1.57 -5.11
H4 YG7 E . 3.94 1.01 -3.63
H5 YG7 E . 5.31 5.40 -3.17
H6 YG7 E . 1.15 -7.34 -4.47
H7 YG7 E . -1.01 -6.11 -9.02
H8 YG7 E . 3.14 9.70 -2.96
H9 YG7 E . 0.01 0.17 -5.13
H10 YG7 E . 0.57 -0.62 -6.40
H11 YG7 E . 1.89 -1.23 -3.26
H12 YG7 E . 3.37 -1.03 -3.82
H13 YG7 E . 2.96 -2.63 -5.51
H14 YG7 E . 2.76 -3.28 -4.07
H15 YG7 E . 1.59 1.12 -3.57
H16 YG7 E . 1.57 1.73 -5.03
H17 YG7 E . 4.56 3.19 -3.48
H18 YG7 E . 3.09 3.11 -2.89
H19 YG7 E . 2.23 4.07 -4.82
H20 YG7 E . 3.65 4.06 -5.49
H21 YG7 E . -0.14 -3.82 -7.32
H22 YG7 E . 1.52 -5.13 -3.85
H23 YG7 E . 0.87 6.22 -5.18
H24 YG7 E . 1.04 10.06 -3.91
H28 YG7 E . 5.02 7.72 -2.60
H29 YG7 E . -1.11 -7.97 -10.43
H30 YG7 E . -1.36 -9.46 -10.64
OH2 1PE F . 1.57 -9.68 -4.68
C12 1PE F . 1.79 -10.99 -5.18
C22 1PE F . 0.59 -11.52 -5.88
OH3 1PE F . -0.18 -12.29 -4.98
HO2 1PE F . 2.30 -9.43 -4.32
H121 1PE F . 2.00 -11.58 -4.44
H122 1PE F . 2.53 -10.97 -5.80
H221 1PE F . 0.87 -12.08 -6.63
H222 1PE F . 0.05 -10.78 -6.21
C14 1PE G . 8.96 6.25 -5.83
OH5 1PE G . 8.27 5.01 -5.76
C15 1PE G . 8.70 2.66 -5.61
C25 1PE G . 9.00 3.94 -6.32
OH6 1PE G . 7.57 2.03 -6.19
C16 1PE G . 6.63 -0.15 -6.27
C26 1PE G . 7.84 0.68 -6.56
OH7 1PE G . 6.88 -1.53 -6.50
H141 1PE G . 9.71 6.23 -5.22
H142 1PE G . 9.29 6.38 -6.74
H151 1PE G . 8.51 2.86 -4.67
H152 1PE G . 9.46 2.07 -5.67
H251 1PE G . 9.95 4.12 -6.25
H252 1PE G . 8.76 3.84 -7.26
H161 1PE G . 5.90 0.13 -6.84
H162 1PE G . 6.37 -0.03 -5.34
H261 1PE G . 8.58 0.35 -6.04
H262 1PE G . 8.04 0.64 -7.51
HO7 1PE G . 7.52 -1.76 -5.98
C1 GOL H . -8.18 0.51 2.00
O1 GOL H . -8.40 0.53 0.62
C2 GOL H . -6.66 0.29 2.25
O2 GOL H . -6.44 0.02 3.61
C3 GOL H . -6.26 -0.82 1.32
O3 GOL H . -4.99 -1.29 1.78
H11 GOL H . -8.67 -0.20 2.44
H12 GOL H . -8.45 1.34 2.43
HO1 GOL H . -9.26 0.52 0.50
H2 GOL H . -6.14 1.08 2.05
HO2 GOL H . -6.52 -0.81 3.73
H31 GOL H . -6.23 -0.48 0.41
H32 GOL H . -6.95 -1.50 1.32
HO3 GOL H . -4.70 -0.75 2.35
C1 GOL I . -12.75 -13.95 -0.22
O1 GOL I . -13.11 -15.17 0.40
C2 GOL I . -12.60 -12.88 0.88
O2 GOL I . -13.72 -12.83 1.70
C3 GOL I . -11.31 -13.23 1.62
O3 GOL I . -11.28 -12.44 2.80
H11 GOL I . -13.42 -13.66 -0.86
H12 GOL I . -11.92 -14.01 -0.70
HO1 GOL I . -13.90 -15.36 0.13
H2 GOL I . -12.53 -11.98 0.50
HO2 GOL I . -13.54 -12.34 2.36
H31 GOL I . -10.56 -13.07 1.02
H32 GOL I . -11.30 -14.18 1.79
HO3 GOL I . -10.55 -11.99 2.78
NA NA J . -17.84 -2.71 -8.48
NA NA K . -0.38 3.48 7.82
#